data_8CIY
#
_entry.id   8CIY
#
_cell.length_a   83.907
_cell.length_b   150.723
_cell.length_c   71.502
_cell.angle_alpha   90.00
_cell.angle_beta   90.00
_cell.angle_gamma   90.00
#
_symmetry.space_group_name_H-M   'C 2 2 2'
#
loop_
_entity.id
_entity.type
_entity.pdbx_description
1 polymer 'Beta sliding clamp'
2 polymer Cyclohexyl-Griselimycin
3 non-polymer 'CALCIUM ION'
4 non-polymer 'MAGNESIUM ION'
5 non-polymer 'SODIUM ION'
6 non-polymer GLYCEROL
7 non-polymer 'ACETATE ION'
8 water water
#
loop_
_entity_poly.entity_id
_entity_poly.type
_entity_poly.pdbx_seq_one_letter_code
_entity_poly.pdbx_strand_id
1 'polypeptide(L)'
;GGRMKFTVEREHLLKPLQQVSGPLGGRPTLPILGNLLLQVADGTLSLTGTDLEMEMVARVALVQPHEPGATTVPARKFFD
ICRGLPEGAEIAVQLEGERMLVRSGRSRFSLSTLPAADFPNLDDWQSEVEFTLPQATMKRLIEATQFSMAHQDVRYYLNG
MLFETEGEELRTVATDGHRLAVCSMPIGQSLPSHSVIVPRKGVIELMRMLDGGDNPLRVQIGSNNIRAHVGDFIFTSKLV
DGRFPDYRRVLPKNPDKHLEAGCDLLKQAFARAAILSNEKFRGVRLYVSENQLKITANNPEQEEAEEILDVTYSGAEMEI
GFNVSYVLDVLNALKCENVRMMLTDSVSSVQIEDAASQSAAYVVMPMRL
;
A
2 'polypeptide(L)' (ACE)(MVA)(MP8)(NZC)L(MP8)L(MVA)(PH6)(MLU)G B
#
loop_
_chem_comp.id
_chem_comp.type
_chem_comp.name
_chem_comp.formula
ACE non-polymer 'ACETYL GROUP' 'C2 H4 O'
ACT non-polymer 'ACETATE ION' 'C2 H3 O2 -1'
CA non-polymer 'CALCIUM ION' 'Ca 2'
GOL non-polymer GLYCEROL 'C3 H8 O3'
MG non-polymer 'MAGNESIUM ION' 'Mg 2'
NA non-polymer 'SODIUM ION' 'Na 1'
#
# COMPACT_ATOMS: atom_id res chain seq x y z
N GLY A 2 1.01 -37.86 -23.88
CA GLY A 2 0.04 -37.46 -22.82
C GLY A 2 0.06 -35.97 -22.56
N ARG A 3 -1.01 -35.45 -21.97
CA ARG A 3 -1.14 -34.04 -21.65
C ARG A 3 -0.93 -33.83 -20.16
N MET A 4 -0.90 -32.56 -19.76
CA MET A 4 -0.71 -32.19 -18.36
C MET A 4 -1.57 -33.01 -17.42
N LYS A 5 -0.96 -33.50 -16.33
CA LYS A 5 -1.69 -34.28 -15.34
C LYS A 5 -0.97 -34.13 -14.01
N PHE A 6 -1.72 -33.91 -12.93
CA PHE A 6 -1.13 -33.86 -11.61
C PHE A 6 -2.18 -34.24 -10.58
N THR A 7 -1.70 -34.65 -9.42
CA THR A 7 -2.52 -34.93 -8.25
C THR A 7 -1.85 -34.26 -7.08
N VAL A 8 -2.62 -33.47 -6.32
N VAL A 8 -2.63 -33.50 -6.30
CA VAL A 8 -2.06 -32.70 -5.23
CA VAL A 8 -2.06 -32.66 -5.25
C VAL A 8 -3.03 -32.70 -4.06
C VAL A 8 -3.03 -32.57 -4.07
N GLU A 9 -2.47 -32.53 -2.86
CA GLU A 9 -3.29 -32.31 -1.68
C GLU A 9 -3.90 -30.92 -1.72
N ARG A 10 -5.18 -30.85 -1.34
CA ARG A 10 -5.88 -29.58 -1.22
C ARG A 10 -5.04 -28.54 -0.47
N GLU A 11 -4.53 -28.91 0.70
CA GLU A 11 -3.87 -27.89 1.51
C GLU A 11 -2.52 -27.48 0.95
N HIS A 12 -1.97 -28.21 -0.02
CA HIS A 12 -0.78 -27.73 -0.71
C HIS A 12 -1.12 -26.75 -1.82
N LEU A 13 -2.34 -26.80 -2.35
CA LEU A 13 -2.77 -25.97 -3.47
C LEU A 13 -3.48 -24.70 -3.01
N LEU A 14 -4.11 -24.72 -1.84
CA LEU A 14 -5.16 -23.73 -1.55
C LEU A 14 -4.60 -22.31 -1.42
N LYS A 15 -3.60 -22.12 -0.56
CA LYS A 15 -3.11 -20.76 -0.35
C LYS A 15 -2.44 -20.22 -1.61
N PRO A 16 -1.62 -21.02 -2.31
CA PRO A 16 -1.08 -20.54 -3.59
C PRO A 16 -2.16 -20.15 -4.58
N LEU A 17 -3.22 -20.95 -4.70
CA LEU A 17 -4.31 -20.59 -5.60
C LEU A 17 -4.98 -19.29 -5.16
N GLN A 18 -5.22 -19.14 -3.86
CA GLN A 18 -5.87 -17.94 -3.37
C GLN A 18 -5.06 -16.70 -3.74
N GLN A 19 -3.73 -16.79 -3.61
CA GLN A 19 -2.92 -15.60 -3.80
C GLN A 19 -2.80 -15.24 -5.28
N VAL A 20 -2.62 -16.23 -6.17
CA VAL A 20 -2.49 -15.89 -7.58
C VAL A 20 -3.83 -15.47 -8.16
N SER A 21 -4.94 -15.94 -7.58
CA SER A 21 -6.25 -15.57 -8.10
C SER A 21 -6.61 -14.12 -7.79
N GLY A 22 -5.79 -13.42 -6.99
CA GLY A 22 -6.03 -12.02 -6.68
C GLY A 22 -5.49 -11.07 -7.73
N THR A 29 -12.62 -9.00 -17.36
CA THR A 29 -11.80 -8.15 -18.24
C THR A 29 -11.83 -8.70 -19.68
N LEU A 30 -10.82 -9.53 -20.04
CA LEU A 30 -10.79 -10.39 -21.21
C LEU A 30 -10.81 -11.84 -20.74
N PRO A 31 -11.38 -12.78 -21.50
CA PRO A 31 -11.56 -14.14 -20.95
C PRO A 31 -10.27 -14.76 -20.44
N ILE A 32 -9.18 -14.72 -21.23
CA ILE A 32 -8.00 -15.43 -20.78
C ILE A 32 -7.36 -14.73 -19.58
N LEU A 33 -7.64 -13.44 -19.37
CA LEU A 33 -7.12 -12.75 -18.21
C LEU A 33 -7.86 -13.11 -16.92
N GLY A 34 -9.01 -13.78 -17.02
CA GLY A 34 -9.68 -14.38 -15.88
C GLY A 34 -9.23 -15.79 -15.57
N ASN A 35 -8.28 -16.31 -16.32
CA ASN A 35 -7.76 -17.65 -16.17
C ASN A 35 -6.39 -17.62 -15.50
N LEU A 36 -6.04 -18.75 -14.87
CA LEU A 36 -4.67 -18.99 -14.44
C LEU A 36 -3.99 -19.87 -15.47
N LEU A 37 -2.73 -19.52 -15.77
CA LEU A 37 -1.84 -20.41 -16.49
C LEU A 37 -1.30 -21.45 -15.53
N LEU A 38 -1.52 -22.72 -15.85
CA LEU A 38 -1.01 -23.85 -15.08
C LEU A 38 0.05 -24.55 -15.91
N GLN A 39 1.22 -24.77 -15.32
CA GLN A 39 2.31 -25.42 -16.01
C GLN A 39 2.91 -26.46 -15.08
N VAL A 40 3.04 -27.69 -15.57
CA VAL A 40 3.72 -28.78 -14.88
C VAL A 40 5.05 -29.03 -15.60
N ALA A 41 6.14 -28.90 -14.86
CA ALA A 41 7.49 -29.13 -15.36
C ALA A 41 8.40 -29.46 -14.18
N ASP A 42 9.23 -30.48 -14.35
CA ASP A 42 10.33 -30.79 -13.43
C ASP A 42 9.89 -30.82 -11.96
N GLY A 43 8.84 -31.59 -11.69
CA GLY A 43 8.38 -31.78 -10.32
C GLY A 43 7.67 -30.60 -9.71
N THR A 44 7.25 -29.64 -10.52
CA THR A 44 6.70 -28.40 -9.99
C THR A 44 5.47 -28.01 -10.79
N LEU A 45 4.43 -27.60 -10.08
CA LEU A 45 3.29 -26.94 -10.67
C LEU A 45 3.46 -25.43 -10.49
N SER A 46 3.43 -24.71 -11.59
CA SER A 46 3.42 -23.25 -11.56
C SER A 46 2.03 -22.75 -11.90
N LEU A 47 1.58 -21.72 -11.17
CA LEU A 47 0.28 -21.08 -11.36
C LEU A 47 0.52 -19.59 -11.56
N THR A 48 0.00 -19.02 -12.64
CA THR A 48 0.23 -17.61 -12.94
C THR A 48 -1.07 -16.88 -13.20
N GLY A 49 -1.22 -15.71 -12.58
CA GLY A 49 -2.32 -14.82 -12.89
C GLY A 49 -1.79 -13.47 -13.34
N THR A 50 -2.57 -12.80 -14.20
CA THR A 50 -2.16 -11.49 -14.68
C THR A 50 -3.35 -10.64 -15.10
N ASP A 51 -3.15 -9.31 -15.07
CA ASP A 51 -4.09 -8.36 -15.67
C ASP A 51 -3.47 -7.59 -16.83
N LEU A 52 -2.32 -8.04 -17.33
CA LEU A 52 -1.55 -7.46 -18.43
C LEU A 52 -0.58 -6.37 -17.98
N GLU A 53 -0.65 -5.91 -16.74
CA GLU A 53 0.29 -4.96 -16.20
C GLU A 53 1.08 -5.52 -15.02
N MET A 54 0.47 -6.40 -14.26
CA MET A 54 1.15 -7.10 -13.18
C MET A 54 0.80 -8.57 -13.23
N GLU A 55 1.62 -9.36 -12.56
CA GLU A 55 1.55 -10.81 -12.66
C GLU A 55 1.99 -11.39 -11.33
N MET A 56 1.35 -12.48 -10.95
CA MET A 56 1.70 -13.24 -9.75
CA MET A 56 1.72 -13.24 -9.75
C MET A 56 1.91 -14.69 -10.16
N VAL A 57 3.07 -15.26 -9.78
CA VAL A 57 3.40 -16.65 -10.07
C VAL A 57 3.64 -17.39 -8.76
N ALA A 58 3.00 -18.55 -8.61
CA ALA A 58 3.22 -19.46 -7.49
C ALA A 58 3.81 -20.76 -7.99
N ARG A 59 4.73 -21.33 -7.21
CA ARG A 59 5.29 -22.66 -7.47
C ARG A 59 4.90 -23.60 -6.35
N VAL A 60 4.40 -24.78 -6.73
CA VAL A 60 3.96 -25.80 -5.79
C VAL A 60 4.71 -27.09 -6.12
N ALA A 61 5.39 -27.65 -5.12
CA ALA A 61 6.10 -28.89 -5.34
C ALA A 61 5.11 -30.03 -5.53
N LEU A 62 5.37 -30.89 -6.52
CA LEU A 62 4.53 -32.05 -6.81
C LEU A 62 5.20 -33.28 -6.22
N VAL A 63 4.57 -33.92 -5.25
N VAL A 63 4.56 -33.88 -5.22
CA VAL A 63 5.17 -35.10 -4.60
CA VAL A 63 5.06 -35.04 -4.53
C VAL A 63 4.48 -36.38 -5.01
C VAL A 63 4.68 -36.32 -5.26
N GLN A 64 3.51 -36.32 -5.91
CA GLN A 64 2.92 -37.48 -6.54
C GLN A 64 3.26 -37.48 -8.02
N PRO A 65 3.15 -38.63 -8.66
CA PRO A 65 3.39 -38.69 -10.12
C PRO A 65 2.59 -37.65 -10.89
N HIS A 66 3.18 -37.18 -11.98
CA HIS A 66 2.60 -36.11 -12.77
C HIS A 66 3.14 -36.23 -14.19
N GLU A 67 2.50 -35.52 -15.11
N GLU A 67 2.47 -35.56 -15.12
CA GLU A 67 2.91 -35.48 -16.50
CA GLU A 67 2.89 -35.47 -16.51
C GLU A 67 3.02 -34.03 -16.94
C GLU A 67 3.03 -34.02 -16.91
N PRO A 68 4.10 -33.63 -17.60
CA PRO A 68 4.29 -32.23 -17.94
C PRO A 68 3.29 -31.74 -18.98
N GLY A 69 3.03 -30.45 -18.93
CA GLY A 69 2.14 -29.80 -19.87
C GLY A 69 1.66 -28.48 -19.31
N ALA A 70 0.67 -27.90 -20.00
CA ALA A 70 0.18 -26.60 -19.59
C ALA A 70 -1.19 -26.34 -20.18
N THR A 71 -1.95 -25.51 -19.47
CA THR A 71 -3.28 -25.06 -19.89
C THR A 71 -3.58 -23.74 -19.18
N THR A 72 -4.71 -23.12 -19.49
CA THR A 72 -5.24 -22.03 -18.67
C THR A 72 -6.67 -22.38 -18.29
N VAL A 73 -7.07 -22.01 -17.08
CA VAL A 73 -8.38 -22.40 -16.54
C VAL A 73 -8.94 -21.27 -15.72
N PRO A 74 -10.28 -21.13 -15.70
CA PRO A 74 -10.88 -20.03 -14.93
C PRO A 74 -10.44 -20.02 -13.47
N ALA A 75 -9.92 -18.87 -13.05
CA ALA A 75 -9.19 -18.83 -11.78
C ALA A 75 -10.13 -18.92 -10.58
N ARG A 76 -11.18 -18.10 -10.57
N ARG A 76 -11.15 -18.06 -10.55
CA ARG A 76 -12.07 -18.06 -9.41
CA ARG A 76 -12.09 -18.06 -9.44
C ARG A 76 -12.86 -19.36 -9.27
C ARG A 76 -12.75 -19.42 -9.29
N LYS A 77 -13.29 -19.95 -10.39
CA LYS A 77 -13.98 -21.24 -10.33
C LYS A 77 -13.06 -22.32 -9.79
N PHE A 78 -11.83 -22.39 -10.30
CA PHE A 78 -10.92 -23.44 -9.85
C PHE A 78 -10.60 -23.27 -8.36
N PHE A 79 -10.36 -22.04 -7.92
CA PHE A 79 -10.13 -21.79 -6.50
C PHE A 79 -11.35 -22.19 -5.67
N ASP A 80 -12.54 -21.78 -6.10
CA ASP A 80 -13.74 -22.06 -5.31
C ASP A 80 -14.00 -23.56 -5.21
N ILE A 81 -13.71 -24.30 -6.28
CA ILE A 81 -13.86 -25.75 -6.24
C ILE A 81 -12.89 -26.35 -5.22
N CYS A 82 -11.62 -25.96 -5.30
CA CYS A 82 -10.65 -26.54 -4.38
CA CYS A 82 -10.61 -26.49 -4.37
C CYS A 82 -10.99 -26.17 -2.93
N ARG A 83 -11.37 -24.92 -2.67
CA ARG A 83 -11.73 -24.52 -1.32
C ARG A 83 -12.96 -25.26 -0.83
N GLY A 84 -13.88 -25.56 -1.75
CA GLY A 84 -15.11 -26.22 -1.35
C GLY A 84 -14.99 -27.71 -1.11
N LEU A 85 -13.89 -28.32 -1.55
CA LEU A 85 -13.64 -29.72 -1.26
C LEU A 85 -13.28 -29.89 0.23
N PRO A 86 -13.51 -31.09 0.77
CA PRO A 86 -13.28 -31.32 2.20
C PRO A 86 -11.81 -31.22 2.58
N GLU A 87 -11.58 -30.88 3.86
CA GLU A 87 -10.22 -30.82 4.36
C GLU A 87 -9.53 -32.16 4.11
N GLY A 88 -8.30 -32.10 3.61
CA GLY A 88 -7.53 -33.29 3.37
C GLY A 88 -7.73 -33.90 1.99
N ALA A 89 -8.61 -33.34 1.18
CA ALA A 89 -8.91 -33.94 -0.11
C ALA A 89 -7.68 -33.98 -1.02
N GLU A 90 -7.56 -35.06 -1.79
CA GLU A 90 -6.60 -35.13 -2.88
CA GLU A 90 -6.60 -35.12 -2.89
C GLU A 90 -7.31 -34.72 -4.17
N ILE A 91 -6.65 -33.88 -4.96
CA ILE A 91 -7.24 -33.26 -6.13
C ILE A 91 -6.46 -33.73 -7.35
N ALA A 92 -7.13 -34.44 -8.26
CA ALA A 92 -6.54 -34.93 -9.49
C ALA A 92 -7.00 -34.06 -10.64
N VAL A 93 -6.05 -33.64 -11.49
CA VAL A 93 -6.31 -32.76 -12.62
C VAL A 93 -5.74 -33.37 -13.89
N GLN A 94 -6.53 -33.35 -14.96
CA GLN A 94 -6.06 -33.82 -16.27
C GLN A 94 -6.84 -33.03 -17.32
N LEU A 95 -6.38 -33.14 -18.57
CA LEU A 95 -6.97 -32.42 -19.68
C LEU A 95 -7.74 -33.38 -20.58
N GLU A 96 -8.94 -32.94 -20.98
CA GLU A 96 -9.86 -33.74 -21.79
C GLU A 96 -10.41 -32.82 -22.86
N GLY A 97 -9.81 -32.87 -24.05
CA GLY A 97 -10.24 -32.01 -25.13
C GLY A 97 -10.05 -30.55 -24.75
N GLU A 98 -11.12 -29.77 -24.87
CA GLU A 98 -11.06 -28.37 -24.52
C GLU A 98 -11.45 -28.11 -23.07
N ARG A 99 -11.40 -29.13 -22.19
CA ARG A 99 -11.75 -28.93 -20.80
C ARG A 99 -10.65 -29.47 -19.90
N MET A 100 -10.66 -28.97 -18.68
CA MET A 100 -9.81 -29.48 -17.60
C MET A 100 -10.72 -30.23 -16.66
N LEU A 101 -10.41 -31.51 -16.41
CA LEU A 101 -11.20 -32.36 -15.55
C LEU A 101 -10.55 -32.42 -14.17
N VAL A 102 -11.29 -32.02 -13.15
CA VAL A 102 -10.86 -32.02 -11.77
C VAL A 102 -11.65 -33.10 -11.05
N ARG A 103 -10.96 -34.02 -10.38
CA ARG A 103 -11.63 -35.11 -9.68
C ARG A 103 -11.15 -35.16 -8.24
N SER A 104 -12.06 -35.38 -7.31
CA SER A 104 -11.71 -35.61 -5.92
C SER A 104 -12.85 -36.37 -5.27
N GLY A 105 -12.56 -37.51 -4.64
CA GLY A 105 -13.64 -38.35 -4.15
C GLY A 105 -14.59 -38.72 -5.27
N ARG A 106 -15.90 -38.56 -5.02
CA ARG A 106 -16.93 -38.70 -6.05
C ARG A 106 -17.43 -37.35 -6.54
N SER A 107 -16.56 -36.36 -6.53
CA SER A 107 -16.83 -35.06 -7.12
C SER A 107 -16.06 -34.95 -8.43
N ARG A 108 -16.71 -34.34 -9.43
CA ARG A 108 -16.13 -34.13 -10.76
C ARG A 108 -16.48 -32.74 -11.25
N PHE A 109 -15.50 -32.07 -11.87
CA PHE A 109 -15.69 -30.74 -12.42
C PHE A 109 -14.97 -30.66 -13.74
N SER A 110 -15.66 -30.20 -14.77
N SER A 110 -15.68 -30.18 -14.77
CA SER A 110 -15.09 -30.01 -16.09
CA SER A 110 -15.13 -30.01 -16.11
C SER A 110 -15.16 -28.52 -16.41
C SER A 110 -15.17 -28.52 -16.41
N LEU A 111 -13.99 -27.89 -16.44
CA LEU A 111 -13.85 -26.45 -16.66
C LEU A 111 -13.37 -26.15 -18.08
N SER A 112 -13.79 -25.00 -18.60
N SER A 112 -13.88 -25.06 -18.65
CA SER A 112 -13.42 -24.57 -19.94
CA SER A 112 -13.40 -24.63 -19.95
C SER A 112 -12.03 -23.94 -19.96
C SER A 112 -11.93 -24.19 -19.81
N THR A 113 -11.18 -24.40 -20.89
CA THR A 113 -9.80 -23.94 -20.93
C THR A 113 -9.57 -23.04 -22.15
N LEU A 114 -8.49 -22.26 -22.08
CA LEU A 114 -7.93 -21.60 -23.26
C LEU A 114 -6.46 -21.98 -23.35
N PRO A 115 -5.90 -22.03 -24.55
CA PRO A 115 -4.55 -22.59 -24.70
C PRO A 115 -3.48 -21.80 -23.96
N ALA A 116 -2.53 -22.54 -23.38
CA ALA A 116 -1.43 -21.89 -22.68
C ALA A 116 -0.67 -20.95 -23.60
N ALA A 117 -0.55 -21.30 -24.88
CA ALA A 117 0.22 -20.47 -25.80
C ALA A 117 -0.39 -19.08 -25.95
N ASP A 118 -1.67 -18.91 -25.63
CA ASP A 118 -2.34 -17.63 -25.72
C ASP A 118 -2.20 -16.78 -24.47
N PHE A 119 -1.58 -17.30 -23.41
CA PHE A 119 -1.47 -16.55 -22.17
C PHE A 119 -0.33 -15.55 -22.29
N PRO A 120 -0.53 -14.30 -21.86
CA PRO A 120 0.51 -13.29 -22.08
C PRO A 120 1.69 -13.48 -21.13
N ASN A 121 2.85 -13.02 -21.60
CA ASN A 121 4.08 -13.13 -20.83
C ASN A 121 4.83 -11.82 -20.95
N LEU A 122 5.45 -11.39 -19.86
CA LEU A 122 6.27 -10.16 -19.91
C LEU A 122 7.53 -10.40 -20.74
N TRP A 125 12.10 -7.96 -19.79
CA TRP A 125 12.47 -7.67 -18.40
C TRP A 125 13.97 -7.42 -18.31
N GLN A 126 14.37 -6.38 -17.58
CA GLN A 126 15.77 -6.00 -17.43
C GLN A 126 15.98 -5.42 -16.05
N SER A 127 16.80 -6.08 -15.22
CA SER A 127 16.97 -5.72 -13.82
C SER A 127 18.09 -4.70 -13.64
N GLU A 128 17.94 -3.85 -12.62
CA GLU A 128 18.90 -2.75 -12.43
C GLU A 128 19.39 -2.60 -10.99
N VAL A 129 18.58 -2.93 -9.99
CA VAL A 129 19.03 -2.95 -8.60
C VAL A 129 18.31 -4.09 -7.89
N GLU A 130 18.99 -4.69 -6.92
CA GLU A 130 18.48 -5.89 -6.24
C GLU A 130 18.89 -5.79 -4.77
N PHE A 131 17.95 -6.08 -3.88
CA PHE A 131 18.25 -6.06 -2.46
C PHE A 131 17.24 -6.96 -1.74
N THR A 132 17.60 -7.37 -0.54
CA THR A 132 16.77 -8.19 0.34
C THR A 132 16.48 -7.40 1.61
N LEU A 133 15.29 -7.61 2.17
CA LEU A 133 14.90 -6.93 3.42
C LEU A 133 13.77 -7.73 4.06
N PRO A 134 13.57 -7.57 5.36
CA PRO A 134 12.50 -8.31 6.03
C PRO A 134 11.13 -7.87 5.56
N GLN A 135 10.21 -8.83 5.49
CA GLN A 135 8.85 -8.50 5.09
C GLN A 135 8.25 -7.42 6.01
N ALA A 136 8.56 -7.47 7.32
CA ALA A 136 8.03 -6.45 8.23
C ALA A 136 8.53 -5.05 7.88
N THR A 137 9.73 -4.96 7.32
CA THR A 137 10.26 -3.64 6.95
C THR A 137 9.53 -3.09 5.73
N MET A 138 9.37 -3.93 4.71
CA MET A 138 8.56 -3.53 3.56
C MET A 138 7.15 -3.15 4.00
N LYS A 139 6.55 -3.91 4.91
CA LYS A 139 5.20 -3.61 5.35
C LYS A 139 5.13 -2.28 6.08
N ARG A 140 6.11 -2.00 6.93
CA ARG A 140 6.14 -0.71 7.62
C ARG A 140 6.24 0.44 6.62
N LEU A 141 7.15 0.30 5.64
CA LEU A 141 7.33 1.35 4.64
C LEU A 141 6.03 1.66 3.90
N ILE A 142 5.30 0.62 3.50
CA ILE A 142 4.07 0.83 2.73
C ILE A 142 2.96 1.38 3.62
N GLU A 143 2.76 0.74 4.79
CA GLU A 143 1.69 1.19 5.68
C GLU A 143 1.91 2.62 6.16
N ALA A 144 3.17 3.05 6.25
CA ALA A 144 3.43 4.40 6.72
C ALA A 144 2.96 5.47 5.75
N THR A 145 2.84 5.13 4.46
CA THR A 145 2.57 6.14 3.46
C THR A 145 1.38 5.86 2.57
N GLN A 146 0.85 4.63 2.53
CA GLN A 146 -0.17 4.27 1.53
C GLN A 146 -1.38 5.19 1.55
N PHE A 147 -1.81 5.62 2.73
CA PHE A 147 -3.04 6.39 2.81
C PHE A 147 -2.94 7.75 2.15
N SER A 148 -1.73 8.23 1.88
CA SER A 148 -1.55 9.55 1.25
C SER A 148 -1.46 9.48 -0.28
N MET A 149 -1.55 8.29 -0.88
CA MET A 149 -1.59 8.21 -2.33
C MET A 149 -2.87 8.86 -2.86
N ALA A 150 -2.78 9.42 -4.06
CA ALA A 150 -3.95 9.96 -4.73
C ALA A 150 -4.83 8.83 -5.25
N HIS A 151 -6.09 9.17 -5.49
CA HIS A 151 -7.06 8.24 -6.05
C HIS A 151 -7.61 8.91 -7.31
N GLN A 152 -7.32 8.30 -8.44
CA GLN A 152 -7.82 8.74 -9.74
C GLN A 152 -7.49 10.20 -10.04
N ASP A 153 -6.34 10.67 -9.57
CA ASP A 153 -5.89 12.01 -9.90
C ASP A 153 -5.51 12.06 -11.38
N VAL A 154 -5.80 13.19 -12.03
CA VAL A 154 -5.37 13.34 -13.41
C VAL A 154 -3.86 13.27 -13.53
N ARG A 155 -3.11 13.59 -12.46
CA ARG A 155 -1.67 13.35 -12.40
C ARG A 155 -1.46 11.87 -12.07
N TYR A 156 -1.34 11.06 -13.13
CA TYR A 156 -1.33 9.61 -12.95
CA TYR A 156 -1.31 9.60 -12.99
C TYR A 156 -0.23 9.14 -12.02
N TYR A 157 0.93 9.80 -12.05
CA TYR A 157 2.04 9.40 -11.20
C TYR A 157 1.75 9.57 -9.72
N LEU A 158 0.75 10.36 -9.35
CA LEU A 158 0.42 10.45 -7.93
C LEU A 158 -0.49 9.31 -7.45
N ASN A 159 -1.05 8.51 -8.36
CA ASN A 159 -1.94 7.44 -7.94
C ASN A 159 -1.19 6.24 -7.41
N GLY A 160 0.14 6.31 -7.37
CA GLY A 160 0.94 5.23 -6.89
C GLY A 160 1.86 5.70 -5.79
N MET A 161 2.95 4.96 -5.59
CA MET A 161 3.85 5.17 -4.48
C MET A 161 5.28 5.17 -5.00
N LEU A 162 6.04 6.18 -4.64
CA LEU A 162 7.44 6.23 -4.99
C LEU A 162 8.20 5.25 -4.09
N PHE A 163 9.05 4.44 -4.69
CA PHE A 163 10.02 3.62 -4.00
C PHE A 163 11.39 4.12 -4.42
N GLU A 164 12.19 4.51 -3.44
N GLU A 164 12.23 4.43 -3.44
CA GLU A 164 13.49 5.12 -3.70
CA GLU A 164 13.48 5.12 -3.72
C GLU A 164 14.54 4.41 -2.86
C GLU A 164 14.59 4.54 -2.85
N THR A 165 15.66 4.10 -3.49
CA THR A 165 16.85 3.65 -2.78
C THR A 165 17.85 4.81 -2.73
N GLU A 166 18.44 5.01 -1.56
CA GLU A 166 19.43 6.07 -1.36
C GLU A 166 20.32 5.64 -0.20
N GLY A 167 21.63 5.51 -0.46
CA GLY A 167 22.57 5.14 0.58
C GLY A 167 22.37 3.70 1.00
N GLU A 168 22.00 3.49 2.27
CA GLU A 168 21.62 2.17 2.75
C GLU A 168 20.13 2.08 3.08
N GLU A 169 19.32 3.01 2.58
CA GLU A 169 17.92 3.10 2.95
C GLU A 169 17.02 2.86 1.75
N LEU A 170 15.87 2.29 2.03
CA LEU A 170 14.73 2.25 1.13
C LEU A 170 13.69 3.21 1.68
N ARG A 171 13.09 3.99 0.79
CA ARG A 171 12.16 5.06 1.15
C ARG A 171 10.91 4.90 0.31
N THR A 172 9.76 5.17 0.92
CA THR A 172 8.52 5.36 0.18
C THR A 172 8.00 6.79 0.37
N VAL A 173 7.37 7.30 -0.67
CA VAL A 173 6.74 8.61 -0.68
C VAL A 173 5.38 8.49 -1.35
N ALA A 174 4.39 9.15 -0.78
CA ALA A 174 3.07 9.25 -1.38
C ALA A 174 2.49 10.63 -1.12
N THR A 175 1.80 11.18 -2.12
CA THR A 175 1.13 12.45 -1.95
C THR A 175 -0.06 12.60 -2.90
N ASP A 176 -1.05 13.37 -2.46
CA ASP A 176 -2.22 13.66 -3.27
C ASP A 176 -2.37 15.16 -3.51
N GLY A 177 -1.36 15.95 -3.15
CA GLY A 177 -1.42 17.38 -3.32
C GLY A 177 -1.87 18.14 -2.09
N HIS A 178 -2.66 17.50 -1.23
N HIS A 178 -2.65 17.49 -1.22
CA HIS A 178 -3.07 18.08 0.05
CA HIS A 178 -3.08 18.09 0.04
C HIS A 178 -2.22 17.64 1.21
C HIS A 178 -2.29 17.59 1.25
N ARG A 179 -1.71 16.40 1.16
CA ARG A 179 -0.88 15.84 2.21
C ARG A 179 0.15 14.96 1.56
N LEU A 180 1.26 14.76 2.27
CA LEU A 180 2.37 13.94 1.83
C LEU A 180 2.83 13.10 3.01
N ALA A 181 3.28 11.88 2.71
CA ALA A 181 3.86 10.95 3.67
C ALA A 181 5.17 10.44 3.09
N VAL A 182 6.21 10.39 3.92
CA VAL A 182 7.51 9.83 3.53
C VAL A 182 8.04 8.98 4.67
N CYS A 183 8.60 7.81 4.34
CA CYS A 183 9.15 6.90 5.33
C CYS A 183 10.41 6.26 4.77
N SER A 184 11.45 6.19 5.60
N SER A 184 11.46 6.15 5.58
CA SER A 184 12.74 5.65 5.19
CA SER A 184 12.67 5.50 5.08
C SER A 184 13.14 4.62 6.23
C SER A 184 13.25 4.64 6.19
N MET A 185 13.80 3.54 5.79
N MET A 185 13.66 3.41 5.83
CA MET A 185 14.25 2.47 6.69
CA MET A 185 14.22 2.40 6.71
C MET A 185 15.61 1.92 6.25
C MET A 185 15.60 1.96 6.25
N PRO A 186 16.51 1.63 7.18
CA PRO A 186 17.82 1.09 6.78
C PRO A 186 17.72 -0.35 6.30
N ILE A 187 18.45 -0.64 5.23
CA ILE A 187 18.48 -1.97 4.62
C ILE A 187 19.78 -2.71 4.90
N GLY A 188 20.81 -2.03 5.41
CA GLY A 188 22.06 -2.70 5.72
C GLY A 188 22.88 -3.12 4.52
N GLN A 189 22.53 -2.62 3.33
CA GLN A 189 23.26 -2.86 2.09
C GLN A 189 23.49 -1.51 1.42
N SER A 190 24.63 -1.36 0.76
CA SER A 190 24.92 -0.14 0.03
C SER A 190 24.21 -0.19 -1.32
N LEU A 191 23.30 0.75 -1.55
CA LEU A 191 22.42 0.69 -2.70
C LEU A 191 22.72 1.81 -3.68
N PRO A 192 22.60 1.54 -4.99
CA PRO A 192 22.56 2.65 -5.96
C PRO A 192 21.31 3.48 -5.76
N SER A 193 21.39 4.73 -6.21
CA SER A 193 20.26 5.64 -6.17
C SER A 193 19.29 5.32 -7.30
N HIS A 194 18.05 5.06 -6.95
N HIS A 194 18.06 5.01 -6.93
CA HIS A 194 17.02 4.73 -7.93
CA HIS A 194 17.02 4.74 -7.91
C HIS A 194 15.68 5.15 -7.35
C HIS A 194 15.70 5.24 -7.36
N SER A 195 14.77 5.62 -8.20
N SER A 195 14.81 5.64 -8.26
CA SER A 195 13.44 5.98 -7.72
CA SER A 195 13.47 6.06 -7.90
C SER A 195 12.43 5.69 -8.82
C SER A 195 12.53 5.46 -8.93
N VAL A 196 11.44 4.86 -8.48
CA VAL A 196 10.42 4.35 -9.40
C VAL A 196 9.07 4.52 -8.75
N ILE A 197 8.04 4.58 -9.59
CA ILE A 197 6.66 4.75 -9.13
C ILE A 197 5.93 3.44 -9.33
N VAL A 198 5.44 2.87 -8.24
CA VAL A 198 4.66 1.63 -8.27
C VAL A 198 3.19 2.00 -8.28
N PRO A 199 2.39 1.52 -9.23
CA PRO A 199 0.99 1.91 -9.26
C PRO A 199 0.24 1.41 -8.04
N ARG A 200 -0.85 2.12 -7.70
CA ARG A 200 -1.67 1.75 -6.54
C ARG A 200 -1.99 0.26 -6.48
N LYS A 201 -2.45 -0.33 -7.59
CA LYS A 201 -2.85 -1.73 -7.55
C LYS A 201 -1.65 -2.64 -7.30
N GLY A 202 -0.46 -2.20 -7.72
CA GLY A 202 0.74 -2.97 -7.44
C GLY A 202 1.14 -2.91 -5.98
N VAL A 203 0.96 -1.74 -5.35
CA VAL A 203 1.23 -1.61 -3.93
C VAL A 203 0.31 -2.54 -3.14
N ILE A 204 -0.97 -2.57 -3.51
CA ILE A 204 -1.95 -3.43 -2.85
C ILE A 204 -1.54 -4.90 -3.01
N GLU A 205 -1.15 -5.30 -4.21
CA GLU A 205 -0.75 -6.70 -4.41
C GLU A 205 0.48 -7.04 -3.58
N LEU A 206 1.48 -6.16 -3.56
CA LEU A 206 2.68 -6.42 -2.79
C LEU A 206 2.34 -6.63 -1.31
N MET A 207 1.43 -5.81 -0.78
CA MET A 207 1.01 -6.00 0.61
C MET A 207 0.37 -7.36 0.83
N ARG A 208 -0.42 -7.84 -0.14
CA ARG A 208 -1.05 -9.14 0.04
C ARG A 208 -0.04 -10.27 0.21
N MET A 209 1.18 -10.10 -0.30
N MET A 209 1.19 -10.08 -0.24
CA MET A 209 2.18 -11.15 -0.23
CA MET A 209 2.17 -11.16 -0.23
C MET A 209 2.95 -11.19 1.08
C MET A 209 3.17 -11.03 0.91
N LEU A 210 2.94 -10.09 1.83
CA LEU A 210 3.83 -9.92 2.98
C LEU A 210 3.23 -10.55 4.23
N ASP A 211 2.98 -11.85 4.13
CA ASP A 211 2.45 -12.64 5.23
C ASP A 211 3.54 -13.48 5.88
N PRO A 216 12.26 -13.63 4.35
CA PRO A 216 12.63 -12.31 3.82
C PRO A 216 12.05 -12.07 2.44
N LEU A 217 12.17 -10.85 1.94
CA LEU A 217 11.71 -10.46 0.64
C LEU A 217 12.91 -10.07 -0.20
N ARG A 218 12.95 -10.51 -1.45
CA ARG A 218 13.95 -10.04 -2.40
C ARG A 218 13.26 -9.17 -3.45
N VAL A 219 13.84 -7.99 -3.71
CA VAL A 219 13.25 -7.03 -4.62
C VAL A 219 14.24 -6.78 -5.74
N GLN A 220 13.76 -6.78 -6.97
CA GLN A 220 14.54 -6.33 -8.12
C GLN A 220 13.80 -5.17 -8.75
N ILE A 221 14.47 -4.04 -8.91
CA ILE A 221 13.85 -2.90 -9.59
C ILE A 221 14.43 -2.86 -11.01
N GLY A 222 13.55 -2.95 -11.99
CA GLY A 222 13.95 -2.98 -13.38
C GLY A 222 13.78 -1.63 -14.06
N SER A 223 13.93 -1.65 -15.39
CA SER A 223 13.78 -0.41 -16.15
C SER A 223 12.34 0.10 -16.08
N ASN A 224 11.39 -0.79 -16.35
CA ASN A 224 9.98 -0.44 -16.48
C ASN A 224 9.10 -1.32 -15.61
N ASN A 225 9.69 -2.12 -14.74
CA ASN A 225 8.96 -3.08 -13.92
C ASN A 225 9.69 -3.26 -12.58
N ILE A 226 8.93 -3.72 -11.59
CA ILE A 226 9.47 -4.12 -10.28
C ILE A 226 9.03 -5.56 -10.02
N ARG A 227 9.90 -6.33 -9.35
CA ARG A 227 9.64 -7.74 -9.05
C ARG A 227 9.94 -8.01 -7.58
N ALA A 228 9.05 -8.76 -6.93
CA ALA A 228 9.21 -9.17 -5.55
C ALA A 228 9.16 -10.68 -5.43
N HIS A 229 10.15 -11.25 -4.77
CA HIS A 229 10.22 -12.69 -4.49
C HIS A 229 9.93 -12.92 -3.01
N VAL A 230 8.88 -13.68 -2.72
CA VAL A 230 8.46 -13.97 -1.36
C VAL A 230 8.15 -15.47 -1.28
N GLY A 231 8.98 -16.22 -0.56
CA GLY A 231 8.75 -17.65 -0.48
C GLY A 231 8.71 -18.27 -1.87
N ASP A 232 7.61 -18.97 -2.19
CA ASP A 232 7.44 -19.58 -3.50
C ASP A 232 6.55 -18.76 -4.43
N PHE A 233 6.50 -17.46 -4.22
CA PHE A 233 5.77 -16.54 -5.08
C PHE A 233 6.70 -15.52 -5.72
N ILE A 234 6.36 -15.09 -6.92
CA ILE A 234 7.04 -14.00 -7.59
C ILE A 234 5.98 -13.05 -8.14
N PHE A 235 6.06 -11.79 -7.75
CA PHE A 235 5.15 -10.75 -8.20
C PHE A 235 5.90 -9.74 -9.05
N THR A 236 5.30 -9.37 -10.19
CA THR A 236 5.89 -8.36 -11.06
C THR A 236 4.85 -7.30 -11.37
N SER A 237 5.27 -6.04 -11.34
CA SER A 237 4.38 -4.95 -11.73
C SER A 237 5.08 -3.99 -12.68
N LYS A 238 4.31 -3.47 -13.64
CA LYS A 238 4.81 -2.35 -14.41
C LYS A 238 4.96 -1.16 -13.49
N LEU A 239 5.84 -0.25 -13.88
CA LEU A 239 6.06 1.01 -13.19
C LEU A 239 5.29 2.12 -13.91
N VAL A 240 5.03 3.20 -13.19
CA VAL A 240 4.32 4.34 -13.75
C VAL A 240 5.33 5.33 -14.30
N ASP A 241 5.08 5.83 -15.51
CA ASP A 241 5.87 6.94 -16.02
C ASP A 241 5.48 8.23 -15.33
N GLY A 242 6.36 9.22 -15.43
CA GLY A 242 6.07 10.53 -14.89
C GLY A 242 7.11 10.97 -13.90
N ARG A 243 7.14 12.26 -13.62
CA ARG A 243 8.08 12.82 -12.66
C ARG A 243 7.36 12.98 -11.33
N PHE A 244 7.72 12.13 -10.37
CA PHE A 244 7.13 12.20 -9.04
C PHE A 244 7.69 13.41 -8.29
N PRO A 245 6.88 14.10 -7.48
CA PRO A 245 7.40 15.23 -6.71
C PRO A 245 8.56 14.83 -5.81
N ASP A 246 9.49 15.77 -5.63
CA ASP A 246 10.59 15.63 -4.68
C ASP A 246 10.13 16.04 -3.28
N TYR A 247 10.05 15.06 -2.37
CA TYR A 247 9.54 15.36 -1.03
C TYR A 247 10.41 16.37 -0.30
N ARG A 248 11.70 16.42 -0.62
N ARG A 248 11.71 16.42 -0.61
CA ARG A 248 12.61 17.35 0.04
CA ARG A 248 12.60 17.35 0.05
C ARG A 248 12.18 18.79 -0.17
C ARG A 248 12.15 18.79 -0.15
N ARG A 249 11.52 19.08 -1.29
CA ARG A 249 11.06 20.44 -1.57
C ARG A 249 9.74 20.74 -0.90
N VAL A 250 9.04 19.72 -0.45
CA VAL A 250 7.73 19.88 0.17
C VAL A 250 7.84 20.06 1.67
N LEU A 251 8.84 19.46 2.30
CA LEU A 251 9.00 19.61 3.73
C LEU A 251 9.09 21.08 4.09
N PRO A 252 8.44 21.53 5.16
CA PRO A 252 8.58 22.92 5.58
C PRO A 252 10.04 23.25 5.87
N LYS A 253 10.46 24.45 5.48
CA LYS A 253 11.89 24.74 5.50
C LYS A 253 12.43 24.92 6.91
N ASN A 254 11.79 25.75 7.72
CA ASN A 254 12.28 26.07 9.07
C ASN A 254 11.10 26.22 10.02
N PRO A 255 10.38 25.14 10.28
CA PRO A 255 9.20 25.23 11.14
C PRO A 255 9.62 25.49 12.58
N ASP A 256 9.44 26.73 13.04
CA ASP A 256 10.01 27.26 14.27
C ASP A 256 9.15 27.06 15.50
N LYS A 257 7.92 26.58 15.36
CA LYS A 257 6.96 26.46 16.45
C LYS A 257 6.68 24.98 16.62
N HIS A 258 7.11 24.40 17.73
CA HIS A 258 7.04 22.96 17.94
C HIS A 258 6.07 22.67 19.07
N LEU A 259 5.05 21.88 18.77
CA LEU A 259 4.05 21.40 19.72
C LEU A 259 4.24 19.91 19.89
N GLU A 260 4.25 19.44 21.14
CA GLU A 260 4.25 18.00 21.42
C GLU A 260 3.01 17.66 22.24
N ALA A 261 2.38 16.54 21.90
CA ALA A 261 1.20 16.09 22.62
C ALA A 261 1.14 14.58 22.61
N GLY A 262 0.42 14.01 23.58
CA GLY A 262 0.14 12.58 23.53
C GLY A 262 -0.69 12.21 22.31
N CYS A 263 -0.30 11.14 21.59
N CYS A 263 -0.30 11.15 21.60
CA CYS A 263 -0.94 10.82 20.31
CA CYS A 263 -0.97 10.83 20.34
C CYS A 263 -2.39 10.37 20.53
C CYS A 263 -2.42 10.42 20.57
N ASP A 264 -2.65 9.54 21.54
CA ASP A 264 -4.01 9.06 21.80
C ASP A 264 -4.94 10.21 22.17
N LEU A 265 -4.51 11.06 23.11
CA LEU A 265 -5.37 12.15 23.54
C LEU A 265 -5.63 13.12 22.39
N LEU A 266 -4.60 13.41 21.59
CA LEU A 266 -4.82 14.32 20.47
C LEU A 266 -5.77 13.72 19.44
N LYS A 267 -5.57 12.44 19.10
CA LYS A 267 -6.44 11.81 18.12
C LYS A 267 -7.88 11.76 18.59
N GLN A 268 -8.09 11.41 19.86
CA GLN A 268 -9.43 11.31 20.43
CA GLN A 268 -9.45 11.29 20.35
C GLN A 268 -10.14 12.66 20.39
N ALA A 269 -9.39 13.73 20.65
CA ALA A 269 -9.96 15.07 20.63
C ALA A 269 -10.34 15.48 19.23
N PHE A 270 -9.45 15.26 18.25
CA PHE A 270 -9.82 15.58 16.87
C PHE A 270 -11.02 14.78 16.41
N ALA A 271 -11.09 13.50 16.81
CA ALA A 271 -12.18 12.64 16.38
C ALA A 271 -13.52 13.11 16.93
N ARG A 272 -13.56 13.63 18.15
CA ARG A 272 -14.80 14.18 18.69
C ARG A 272 -15.16 15.50 18.00
N ALA A 273 -14.18 16.40 17.85
CA ALA A 273 -14.46 17.68 17.20
C ALA A 273 -14.98 17.45 15.79
N ALA A 274 -14.45 16.42 15.10
CA ALA A 274 -14.85 16.18 13.72
C ALA A 274 -16.34 15.96 13.57
N ILE A 275 -16.99 15.46 14.62
CA ILE A 275 -18.42 15.15 14.56
C ILE A 275 -19.24 16.38 14.20
N LEU A 276 -18.81 17.56 14.65
CA LEU A 276 -19.55 18.79 14.40
C LEU A 276 -18.85 19.68 13.38
N SER A 277 -18.00 19.10 12.53
CA SER A 277 -17.42 19.82 11.40
C SER A 277 -18.31 19.69 10.15
N ASN A 278 -18.10 20.61 9.21
CA ASN A 278 -18.79 20.55 7.93
C ASN A 278 -18.56 19.21 7.25
N GLU A 279 -19.65 18.55 6.84
CA GLU A 279 -19.55 17.21 6.27
C GLU A 279 -18.76 17.20 4.97
N LYS A 280 -18.82 18.30 4.20
CA LYS A 280 -18.11 18.37 2.93
C LYS A 280 -16.66 18.79 3.13
N PHE A 281 -16.45 19.85 3.92
CA PHE A 281 -15.14 20.49 3.99
C PHE A 281 -14.31 20.04 5.18
N ARG A 282 -14.95 19.53 6.24
CA ARG A 282 -14.32 18.88 7.38
C ARG A 282 -13.32 19.77 8.10
N GLY A 283 -13.52 21.09 8.09
CA GLY A 283 -12.56 21.99 8.69
C GLY A 283 -12.67 22.06 10.20
N VAL A 284 -11.52 22.01 10.87
CA VAL A 284 -11.41 22.31 12.29
C VAL A 284 -10.38 23.42 12.46
N ARG A 285 -10.48 24.15 13.58
CA ARG A 285 -9.59 25.24 13.89
C ARG A 285 -8.77 24.87 15.11
N LEU A 286 -7.45 25.11 15.04
CA LEU A 286 -6.54 24.90 16.13
C LEU A 286 -6.11 26.25 16.66
N TYR A 287 -6.21 26.45 17.97
CA TYR A 287 -5.62 27.61 18.60
CA TYR A 287 -5.65 27.62 18.64
C TYR A 287 -4.52 27.13 19.54
N VAL A 288 -3.30 27.53 19.24
N VAL A 288 -3.27 27.44 19.20
CA VAL A 288 -2.10 27.13 19.98
CA VAL A 288 -2.15 27.02 20.05
C VAL A 288 -1.72 28.27 20.91
C VAL A 288 -1.71 28.21 20.90
N SER A 289 -1.53 27.96 22.20
CA SER A 289 -1.07 28.95 23.17
C SER A 289 -0.16 28.22 24.15
N GLU A 290 0.37 28.93 25.15
CA GLU A 290 1.38 28.31 26.00
C GLU A 290 0.85 27.03 26.63
N ASN A 291 1.55 25.91 26.35
CA ASN A 291 1.18 24.56 26.78
C ASN A 291 -0.30 24.22 26.67
N GLN A 292 -0.95 24.70 25.62
N GLN A 292 -1.01 24.76 25.67
CA GLN A 292 -2.36 24.44 25.44
CA GLN A 292 -2.42 24.41 25.52
C GLN A 292 -2.71 24.39 23.96
C GLN A 292 -2.82 24.46 24.05
N LEU A 293 -3.62 23.48 23.63
CA LEU A 293 -4.20 23.40 22.31
C LEU A 293 -5.72 23.41 22.46
N LYS A 294 -6.40 24.30 21.75
CA LYS A 294 -7.85 24.30 21.65
C LYS A 294 -8.22 23.92 20.23
N ILE A 295 -9.10 22.95 20.10
CA ILE A 295 -9.64 22.52 18.81
C ILE A 295 -11.12 22.88 18.78
N THR A 296 -11.55 23.56 17.73
CA THR A 296 -12.96 23.89 17.58
C THR A 296 -13.44 23.46 16.21
N ALA A 297 -14.73 23.13 16.15
CA ALA A 297 -15.39 22.76 14.91
C ALA A 297 -16.80 23.35 14.92
N ASN A 298 -17.24 23.83 13.76
N ASN A 298 -17.28 23.79 13.77
CA ASN A 298 -18.62 24.30 13.57
CA ASN A 298 -18.69 24.12 13.65
C ASN A 298 -19.15 23.76 12.25
C ASN A 298 -19.17 23.75 12.26
N ASN A 299 -20.48 23.74 12.12
CA ASN A 299 -21.09 23.30 10.88
C ASN A 299 -22.18 24.28 10.44
N PRO A 300 -22.79 24.06 9.27
CA PRO A 300 -23.81 25.02 8.79
C PRO A 300 -25.02 25.13 9.68
N GLU A 301 -25.26 24.14 10.53
CA GLU A 301 -26.37 24.17 11.47
C GLU A 301 -26.03 24.96 12.73
N GLN A 302 -24.83 25.55 12.78
CA GLN A 302 -24.38 26.37 13.91
CA GLN A 302 -24.37 26.36 13.90
C GLN A 302 -24.20 25.53 15.17
N GLU A 303 -23.95 24.24 14.99
CA GLU A 303 -23.49 23.42 16.10
C GLU A 303 -22.00 23.64 16.28
N GLU A 304 -21.50 23.39 17.49
CA GLU A 304 -20.13 23.73 17.83
C GLU A 304 -19.52 22.68 18.77
N ALA A 305 -18.28 22.27 18.46
CA ALA A 305 -17.50 21.45 19.38
C ALA A 305 -16.27 22.22 19.81
N GLU A 306 -15.85 21.99 21.06
CA GLU A 306 -14.61 22.56 21.57
C GLU A 306 -13.89 21.52 22.42
N GLU A 307 -12.59 21.36 22.17
CA GLU A 307 -11.73 20.49 22.96
C GLU A 307 -10.54 21.30 23.45
N ILE A 308 -10.21 21.20 24.73
CA ILE A 308 -9.00 21.83 25.23
C ILE A 308 -8.09 20.73 25.76
N LEU A 309 -6.81 20.78 25.38
N LEU A 309 -6.81 20.80 25.39
CA LEU A 309 -5.82 19.79 25.79
CA LEU A 309 -5.80 19.80 25.74
C LEU A 309 -4.58 20.46 26.32
C LEU A 309 -4.58 20.49 26.34
N ASP A 310 -3.97 19.84 27.33
CA ASP A 310 -2.62 20.21 27.73
C ASP A 310 -1.64 19.64 26.71
N VAL A 311 -0.70 20.47 26.26
CA VAL A 311 0.35 20.08 25.34
C VAL A 311 1.63 20.77 25.80
N THR A 312 2.75 20.42 25.15
CA THR A 312 4.00 21.13 25.38
C THR A 312 4.18 22.10 24.22
N TYR A 313 4.16 23.40 24.53
CA TYR A 313 4.30 24.43 23.50
C TYR A 313 4.69 25.75 24.15
N SER A 314 5.74 26.40 23.62
CA SER A 314 6.19 27.69 24.15
C SER A 314 6.34 28.78 23.09
N GLY A 315 5.75 28.63 21.90
CA GLY A 315 5.85 29.65 20.87
C GLY A 315 4.80 30.74 20.93
N ALA A 316 4.81 31.56 19.88
CA ALA A 316 3.76 32.56 19.67
C ALA A 316 2.40 31.89 19.55
N GLU A 317 1.36 32.61 19.95
CA GLU A 317 0.01 32.10 19.77
C GLU A 317 -0.34 32.07 18.29
N MET A 318 -1.08 31.07 17.87
CA MET A 318 -1.46 31.04 16.45
C MET A 318 -2.73 30.24 16.28
N GLU A 319 -3.41 30.52 15.17
CA GLU A 319 -4.66 29.87 14.81
C GLU A 319 -4.47 29.32 13.41
N ILE A 320 -4.83 28.06 13.21
CA ILE A 320 -4.62 27.42 11.91
C ILE A 320 -5.74 26.41 11.69
N GLY A 321 -6.21 26.33 10.44
CA GLY A 321 -7.29 25.43 10.09
C GLY A 321 -6.80 24.21 9.33
N PHE A 322 -7.47 23.08 9.57
CA PHE A 322 -7.16 21.83 8.88
C PHE A 322 -8.40 21.03 8.55
N ASN A 323 -8.30 20.29 7.44
CA ASN A 323 -9.21 19.19 7.16
C ASN A 323 -8.95 18.10 8.20
N VAL A 324 -9.91 17.87 9.09
CA VAL A 324 -9.65 17.00 10.23
C VAL A 324 -9.42 15.56 9.78
N SER A 325 -9.99 15.16 8.64
CA SER A 325 -9.76 13.80 8.16
CA SER A 325 -9.75 13.80 8.17
C SER A 325 -8.27 13.59 7.84
N TYR A 326 -7.63 14.59 7.24
CA TYR A 326 -6.22 14.45 6.91
C TYR A 326 -5.36 14.37 8.17
N VAL A 327 -5.74 15.11 9.22
CA VAL A 327 -5.01 15.05 10.48
C VAL A 327 -5.20 13.68 11.15
N LEU A 328 -6.44 13.20 11.18
CA LEU A 328 -6.69 11.89 11.78
C LEU A 328 -5.96 10.78 11.01
N ASP A 329 -5.92 10.88 9.67
CA ASP A 329 -5.19 9.90 8.89
C ASP A 329 -3.74 9.80 9.35
N VAL A 330 -3.09 10.95 9.60
CA VAL A 330 -1.71 10.91 10.07
C VAL A 330 -1.63 10.29 11.45
N LEU A 331 -2.46 10.76 12.38
CA LEU A 331 -2.35 10.27 13.76
C LEU A 331 -2.62 8.77 13.84
N ASN A 332 -3.52 8.27 13.00
CA ASN A 332 -3.78 6.83 12.98
C ASN A 332 -2.62 6.05 12.39
N ALA A 333 -1.88 6.62 11.44
CA ALA A 333 -0.72 5.95 10.87
C ALA A 333 0.48 5.94 11.80
N LEU A 334 0.59 6.93 12.71
CA LEU A 334 1.77 7.04 13.56
C LEU A 334 1.81 5.95 14.65
N LYS A 335 0.69 5.63 15.26
CA LYS A 335 0.67 4.57 16.28
C LYS A 335 1.84 4.69 17.26
N CYS A 336 1.98 5.85 17.90
CA CYS A 336 3.10 6.06 18.81
C CYS A 336 2.59 6.74 20.08
N GLU A 337 3.53 7.08 20.98
CA GLU A 337 3.10 7.62 22.28
C GLU A 337 2.89 9.12 22.22
N ASN A 338 3.81 9.84 21.59
CA ASN A 338 3.75 11.29 21.52
C ASN A 338 4.08 11.75 20.11
N VAL A 339 3.41 12.83 19.71
CA VAL A 339 3.54 13.37 18.37
C VAL A 339 4.06 14.79 18.46
N ARG A 340 4.86 15.17 17.46
CA ARG A 340 5.40 16.50 17.32
C ARG A 340 4.78 17.13 16.08
N MET A 341 4.16 18.30 16.25
CA MET A 341 3.67 19.12 15.14
CA MET A 341 3.70 19.10 15.13
C MET A 341 4.60 20.31 15.00
N MET A 342 5.16 20.50 13.82
N MET A 342 5.06 20.57 13.79
CA MET A 342 6.09 21.60 13.55
CA MET A 342 6.08 21.58 13.50
C MET A 342 5.41 22.60 12.64
C MET A 342 5.47 22.63 12.60
N LEU A 343 5.21 23.81 13.16
CA LEU A 343 4.41 24.83 12.52
C LEU A 343 5.24 26.05 12.13
N THR A 344 4.74 26.75 11.12
CA THR A 344 5.35 27.98 10.63
C THR A 344 4.37 29.14 10.71
N ASP A 345 3.27 29.08 9.97
CA ASP A 345 2.22 30.08 10.06
C ASP A 345 0.91 29.47 9.58
N SER A 346 -0.14 30.28 9.52
CA SER A 346 -1.48 29.77 9.28
CA SER A 346 -1.48 29.78 9.27
C SER A 346 -1.74 29.41 7.82
N VAL A 347 -0.87 29.79 6.88
CA VAL A 347 -1.08 29.49 5.47
C VAL A 347 0.00 28.57 4.93
N SER A 348 0.80 27.94 5.80
CA SER A 348 1.88 27.08 5.38
C SER A 348 1.68 25.68 5.95
N SER A 349 2.22 24.68 5.25
CA SER A 349 2.01 23.32 5.72
C SER A 349 2.64 23.10 7.09
N VAL A 350 2.12 22.09 7.78
N VAL A 350 2.16 22.06 7.77
CA VAL A 350 2.63 21.56 9.03
CA VAL A 350 2.73 21.62 9.04
C VAL A 350 3.40 20.27 8.72
C VAL A 350 3.30 20.23 8.85
N GLN A 351 4.43 19.99 9.51
CA GLN A 351 5.08 18.69 9.52
C GLN A 351 4.73 17.97 10.82
N ILE A 352 4.33 16.71 10.71
CA ILE A 352 3.94 15.90 11.85
C ILE A 352 4.82 14.66 11.87
N GLU A 353 5.30 14.30 13.06
N GLU A 353 5.38 14.36 13.06
CA GLU A 353 6.15 13.13 13.21
CA GLU A 353 6.23 13.20 13.25
C GLU A 353 6.03 12.57 14.62
C GLU A 353 5.94 12.55 14.60
N ASP A 354 6.39 11.31 14.75
CA ASP A 354 6.54 10.68 16.06
C ASP A 354 7.61 11.46 16.83
N ALA A 355 7.32 11.84 18.08
CA ALA A 355 8.29 12.60 18.85
C ALA A 355 9.55 11.81 19.10
N ALA A 356 9.45 10.48 19.02
CA ALA A 356 10.53 9.56 19.33
C ALA A 356 11.19 8.93 18.10
N SER A 357 10.73 9.24 16.89
CA SER A 357 11.31 8.63 15.72
C SER A 357 11.23 9.58 14.54
N GLN A 358 12.29 9.64 13.74
CA GLN A 358 12.28 10.43 12.51
CA GLN A 358 12.27 10.43 12.51
C GLN A 358 12.21 9.56 11.26
N SER A 359 11.89 8.27 11.38
N SER A 359 11.86 8.27 11.39
CA SER A 359 11.79 7.42 10.20
CA SER A 359 11.79 7.40 10.22
C SER A 359 10.74 7.95 9.23
C SER A 359 10.68 7.81 9.25
N ALA A 360 9.59 8.39 9.75
CA ALA A 360 8.49 8.88 8.91
C ALA A 360 8.21 10.35 9.20
N ALA A 361 7.78 11.06 8.17
CA ALA A 361 7.32 12.44 8.31
C ALA A 361 6.07 12.65 7.45
N TYR A 362 5.20 13.52 7.92
CA TYR A 362 3.91 13.79 7.29
C TYR A 362 3.79 15.29 7.12
N VAL A 363 3.32 15.73 5.96
CA VAL A 363 3.17 17.15 5.66
C VAL A 363 1.72 17.36 5.25
N VAL A 364 1.02 18.28 5.92
CA VAL A 364 -0.38 18.53 5.67
C VAL A 364 -0.57 20.02 5.45
N MET A 365 -1.23 20.37 4.35
CA MET A 365 -1.53 21.75 4.02
C MET A 365 -2.72 22.23 4.83
N PRO A 366 -2.67 23.42 5.41
CA PRO A 366 -3.84 23.96 6.10
C PRO A 366 -4.93 24.40 5.13
N MET A 367 -6.12 24.59 5.69
N MET A 367 -6.10 24.65 5.69
CA MET A 367 -7.21 25.29 5.05
CA MET A 367 -7.20 25.29 4.97
C MET A 367 -7.18 26.76 5.48
C MET A 367 -7.43 26.68 5.55
N ARG A 368 -7.75 27.63 4.67
CA ARG A 368 -7.88 29.01 5.08
C ARG A 368 -9.06 29.18 6.03
N LEU A 369 -8.90 30.07 7.01
CA LEU A 369 -9.89 30.19 8.07
C LEU A 369 -11.00 31.13 7.64
C ACE B 1 -8.93 27.00 0.95
O ACE B 1 -8.79 26.53 2.07
CH3 ACE B 1 -9.55 28.35 0.76
H1 ACE B 1 -9.80 28.72 1.62
H2 ACE B 1 -8.91 28.95 0.33
H3 ACE B 1 -10.34 28.28 0.20
N MVA B 2 -8.57 26.33 -0.14
CN MVA B 2 -8.75 26.88 -1.49
CA MVA B 2 -8.00 24.95 -0.11
CB MVA B 2 -8.96 23.86 -0.58
CG1 MVA B 2 -8.38 22.50 -0.22
CG2 MVA B 2 -10.31 24.07 0.04
C MVA B 2 -6.67 24.98 -0.87
O MVA B 2 -6.58 24.45 -1.97
HN1 MVA B 2 -8.50 26.23 -2.16
HN2 MVA B 2 -9.69 27.12 -1.61
HN3 MVA B 2 -8.21 27.68 -1.59
HA MVA B 2 -7.82 24.70 0.83
HB MVA B 2 -9.06 23.90 -1.57
HG11 MVA B 2 -7.52 22.38 -0.65
HG12 MVA B 2 -8.99 21.80 -0.53
HG13 MVA B 2 -8.28 22.44 0.74
HG21 MVA B 2 -10.92 23.36 -0.23
HG22 MVA B 2 -10.24 24.06 1.00
HG23 MVA B 2 -10.68 24.93 -0.24
C MP8 B 3 -3.75 24.30 -1.15
N MP8 B 3 -5.64 25.61 -0.31
O MP8 B 3 -4.08 23.38 -0.36
CA MP8 B 3 -4.35 25.68 -1.01
CB MP8 B 3 -3.51 26.61 -0.12
CD MP8 B 3 -5.59 26.28 1.00
CE MP8 B 3 -3.72 27.48 2.26
CG MP8 B 3 -4.08 26.38 1.29
HA MP8 B 3 -4.45 26.11 -1.90
HB MP8 B 3 -2.56 26.35 -0.15
HBA MP8 B 3 -3.60 27.55 -0.39
HD MP8 B 3 -6.04 25.72 1.70
HDA MP8 B 3 -6.01 27.18 0.97
HE MP8 B 3 -2.76 27.50 2.38
HEA MP8 B 3 -4.16 27.31 3.11
HEB MP8 B 3 -4.02 28.34 1.90
HG MP8 B 3 -3.76 25.52 1.65
N NZC B 4 -2.84 24.09 -2.11
O NZC B 4 -0.14 23.97 -1.60
OG1 NZC B 4 -1.37 22.79 -4.50
C NZC B 4 -0.75 22.88 -1.68
CA NZC B 4 -2.20 22.78 -2.20
CB NZC B 4 -2.22 22.10 -3.57
CG2 NZC B 4 -3.64 22.05 -4.11
C40 NZC B 4 -2.44 25.12 -3.06
HA NZC B 4 -2.74 22.18 -1.63
HB NZC B 4 -1.81 21.20 -3.48
HG2 NZC B 4 -3.97 22.96 -4.23
HG2A NZC B 4 -3.65 21.59 -4.95
HG2B NZC B 4 -4.20 21.59 -3.46
H40 NZC B 4 -3.20 25.34 -3.63
H40A NZC B 4 -1.71 24.79 -3.60
H40B NZC B 4 -2.15 25.91 -2.58
N LEU B 5 -0.15 21.71 -1.42
CA LEU B 5 1.29 21.58 -1.23
C LEU B 5 1.95 22.09 -2.51
C MP8 B 6 4.39 22.08 -4.61
N MP8 B 6 3.21 22.54 -2.45
O MP8 B 6 5.57 22.04 -4.96
CA MP8 B 6 3.89 23.13 -3.62
CB MP8 B 6 4.99 23.97 -2.96
CD MP8 B 6 4.05 22.62 -1.24
CE MP8 B 6 6.25 23.82 -0.75
CG MP8 B 6 5.41 23.09 -1.78
HA MP8 B 6 3.28 23.72 -4.13
HB MP8 B 6 4.66 24.83 -2.66
HBA MP8 B 6 5.75 24.11 -3.58
HD MP8 B 6 3.69 23.26 -0.59
HDA MP8 B 6 4.14 21.72 -0.81
HE MP8 B 6 5.78 24.61 -0.44
HEA MP8 B 6 6.42 23.22 0.01
HEB MP8 B 6 7.10 24.07 -1.14
HG MP8 B 6 5.93 22.31 -2.11
N LEU B 7 3.47 21.23 -5.07
CA LEU B 7 3.85 20.21 -6.03
C LEU B 7 4.10 20.86 -7.40
N MVA B 8 5.12 20.47 -8.18
CN MVA B 8 6.05 19.40 -7.75
CA MVA B 8 5.39 21.07 -9.52
CB MVA B 8 6.77 21.72 -9.58
CG1 MVA B 8 7.00 22.32 -10.96
CG2 MVA B 8 6.89 22.79 -8.49
C MVA B 8 5.14 19.99 -10.56
O MVA B 8 5.93 19.08 -10.72
HN1 MVA B 8 6.52 19.68 -6.95
HN2 MVA B 8 6.68 19.21 -8.45
HN3 MVA B 8 5.54 18.59 -7.55
HA MVA B 8 4.77 21.81 -9.72
HB MVA B 8 7.47 21.03 -9.42
HG11 MVA B 8 6.97 21.62 -11.63
HG12 MVA B 8 7.87 22.75 -10.98
HG13 MVA B 8 6.31 22.98 -11.14
HG21 MVA B 8 6.79 22.37 -7.62
HG22 MVA B 8 7.77 23.21 -8.55
HG23 MVA B 8 6.21 23.46 -8.62
C PH6 B 9 1.79 20.80 -10.42
O PH6 B 9 1.60 19.66 -9.99
CA PH6 B 9 3.01 21.10 -11.29
CB PH6 B 9 2.62 21.15 -12.78
CG PH6 B 9 2.60 19.66 -13.12
CD PH6 B 9 3.83 19.10 -12.41
N PH6 B 9 4.04 20.07 -11.33
C1 PH6 B 9 2.57 19.29 -14.62
C6 PH6 B 9 1.35 19.89 -15.30
C5 PH6 B 9 1.33 19.54 -16.79
C4 PH6 B 9 1.40 18.04 -17.00
C3 PH6 B 9 2.61 17.44 -16.33
C2 PH6 B 9 2.63 17.78 -14.83
HA PH6 B 9 3.42 21.94 -10.94
HB2 PH6 B 9 1.73 21.57 -12.92
HB3 PH6 B 9 3.27 21.64 -13.33
HG2 PH6 B 9 1.75 19.32 -12.72
HD2 PH6 B 9 4.61 19.07 -13.02
HD3 PH6 B 9 3.67 18.20 -12.06
H1 PH6 B 9 3.37 19.67 -15.05
H61 PH6 B 9 1.36 20.86 -15.19
H62 PH6 B 9 0.54 19.55 -14.88
H21 PH6 B 9 3.45 17.43 -14.42
H22 PH6 B 9 1.86 17.37 -14.38
H51 PH6 B 9 0.52 19.89 -17.21
H52 PH6 B 9 2.10 19.97 -17.24
H41 PH6 B 9 0.58 17.63 -16.63
H42 PH6 B 9 1.43 17.85 -17.96
H31 PH6 B 9 2.59 16.46 -16.43
H32 PH6 B 9 3.42 17.78 -16.75
N MLU B 10 0.91 21.81 -10.24
CN MLU B 10 1.21 23.18 -10.57
CA MLU B 10 -0.43 21.51 -9.76
C MLU B 10 -0.72 22.10 -8.37
O MLU B 10 -1.86 22.39 -8.01
CB MLU B 10 -1.52 21.98 -10.73
CG MLU B 10 -1.37 21.48 -12.16
CD1 MLU B 10 -2.53 22.04 -12.99
CD2 MLU B 10 -1.29 20.01 -12.27
HCN1 MLU B 10 1.38 23.25 -11.52
HCN2 MLU B 10 0.47 23.74 -10.32
HCN3 MLU B 10 2.00 23.46 -10.08
HA MLU B 10 -0.48 20.52 -9.69
HB2 MLU B 10 -1.52 22.97 -10.74
HB3 MLU B 10 -2.39 21.69 -10.40
HG MLU B 10 -0.50 21.81 -12.53
HD11 MLU B 10 -3.36 21.65 -12.66
HD12 MLU B 10 -2.57 23.00 -12.89
HD13 MLU B 10 -2.42 21.81 -13.92
HD21 MLU B 10 -0.53 19.68 -11.76
HD22 MLU B 10 -1.19 19.74 -13.20
HD23 MLU B 10 -2.11 19.61 -11.90
N GLY B 11 0.33 22.28 -7.58
CA GLY B 11 0.17 22.87 -6.25
C GLY B 11 -0.73 22.02 -5.38
CA CA C . -5.11 -36.13 2.04
CA CA D . 7.77 9.67 23.05
CA CA E . -11.37 -37.61 -23.47
CA CA F . -28.48 18.95 13.65
CA CA G . 15.76 9.64 15.15
CA CA H . -4.66 -31.06 6.10
MG MG I . 7.25 -14.92 -17.43
MG MG J . -1.81 -12.28 2.42
MG MG K . 9.38 18.47 -7.48
MG MG L . -14.30 -33.55 -18.95
MG MG M . 3.71 25.14 2.35
NA NA N . -17.04 24.87 10.02
C1 GOL O . 2.69 35.11 14.70
O1 GOL O . 2.21 35.34 16.03
C2 GOL O . 2.55 33.60 14.46
O2 GOL O . 3.01 33.14 13.22
C3 GOL O . 1.03 33.30 14.65
O3 GOL O . 0.27 34.45 14.40
H11 GOL O . 3.61 35.38 14.56
H12 GOL O . 2.16 35.58 14.03
HO1 GOL O . 1.65 35.98 15.99
H2 GOL O . 3.11 33.15 15.11
HO2 GOL O . 2.43 33.33 12.63
H31 GOL O . 0.91 32.96 15.55
H32 GOL O . 0.80 32.56 14.06
HO3 GOL O . -0.48 34.35 14.79
C1 GOL P . -14.84 -38.27 -24.40
O1 GOL P . -13.45 -38.27 -24.45
C2 GOL P . -15.25 -38.28 -22.92
O2 GOL P . -14.87 -39.46 -22.29
C3 GOL P . -14.65 -37.01 -22.30
O3 GOL P . -13.25 -37.14 -22.24
H11 GOL P . -15.23 -39.04 -24.84
H12 GOL P . -15.21 -37.48 -24.82
H2 GOL P . -16.22 -38.25 -22.83
HO2 GOL P . -14.10 -39.36 -21.97
H31 GOL P . -15.05 -36.87 -21.42
H32 GOL P . -14.93 -36.24 -22.83
C ACT Q . 15.30 21.98 9.71
O ACT Q . 14.49 21.39 8.94
OXT ACT Q . 15.45 23.23 9.92
CH3 ACT Q . 16.24 21.00 10.50
H1 ACT Q . 16.82 21.51 11.08
H2 ACT Q . 16.78 20.49 9.88
H3 ACT Q . 15.70 20.40 11.03
#